data_8SW8
#
_entry.id   8SW8
#
_cell.length_a   62.741
_cell.length_b   62.741
_cell.length_c   163.548
_cell.angle_alpha   90.000
_cell.angle_beta   90.000
_cell.angle_gamma   90.000
#
_symmetry.space_group_name_H-M   'P 43 21 2'
#
loop_
_entity.id
_entity.type
_entity.pdbx_description
1 polymer 'Haloalkane dehalogenase'
2 non-polymer 1-[(4aM,10P)-7-(azetidin-1-yl)-10-[2-carboxy-3,4,6-trifluoro-5-({2-[2-(hexyloxy)ethoxy]ethyl}carbamoyl)phenyl]-5,5-dimethyldibenzo[b,e]silin-3(5H)-ylidene]azetidin-1-ium
3 non-polymer 'CHLORIDE ION'
4 water water
#
_entity_poly.entity_id   1
_entity_poly.type   'polypeptide(L)'
_entity_poly.pdbx_seq_one_letter_code
;MHHHHHHGAEIGTGFPFDPHYVEVLGERMHYVDVGPRDGTPVLFLHGNPTSSYVWRNIIPHVAPTHRCIAPDLIGMGKSD
KPDLGYFFDDHVRFMDAFIEALGLEEVVLVIHDWGSALGFHWAKRNPERVKGIAFMEFIRPIPTWDEWPEFARETFQAFR
TTDVGRKLIIDQNVFIEGTLPMGVVRPLTEVEMDHYREPFLNPVDREPLWRFPNELPIAGEPANIVALVEEYMDWLHQSP
VPKLLFWGTPGVLIPPAEAARLAKSLPNCKAVDIGPGLNLLQEDNPDLIGSEIARWLSTLEISG
;
_entity_poly.pdbx_strand_id   AAA
#
# COMPACT_ATOMS: atom_id res chain seq x y z
N ILE A 11 4.97 20.52 -0.66
CA ILE A 11 4.76 19.11 -0.23
C ILE A 11 5.79 18.78 0.86
N GLY A 12 5.33 18.41 2.06
CA GLY A 12 6.20 18.32 3.25
C GLY A 12 7.15 17.13 3.14
N THR A 13 8.36 17.30 3.62
CA THR A 13 9.43 16.28 3.55
C THR A 13 9.66 15.68 4.92
N GLY A 14 9.09 16.31 5.94
CA GLY A 14 9.31 15.95 7.35
C GLY A 14 8.50 14.72 7.67
N PHE A 15 8.95 13.96 8.66
CA PHE A 15 8.20 12.84 9.28
C PHE A 15 8.02 13.15 10.76
N PRO A 16 7.09 14.05 11.13
CA PRO A 16 7.01 14.53 12.52
C PRO A 16 6.12 13.63 13.39
N PHE A 17 6.38 12.32 13.40
CA PHE A 17 5.55 11.34 14.15
C PHE A 17 6.44 10.60 15.13
N ASP A 18 6.00 10.52 16.39
CA ASP A 18 6.72 9.72 17.40
C ASP A 18 6.58 8.24 17.05
N PRO A 19 7.68 7.50 17.26
CA PRO A 19 7.70 6.07 17.04
C PRO A 19 6.86 5.33 18.09
N HIS A 20 5.98 4.46 17.64
CA HIS A 20 5.29 3.46 18.50
C HIS A 20 5.79 2.10 18.04
N TYR A 21 5.94 1.18 18.98
CA TYR A 21 6.42 -0.20 18.74
C TYR A 21 5.48 -1.16 19.43
N VAL A 22 5.20 -2.31 18.80
CA VAL A 22 4.45 -3.43 19.40
C VAL A 22 5.17 -4.73 19.07
N GLU A 23 5.18 -5.67 20.03
CA GLU A 23 5.74 -7.01 19.83
C GLU A 23 4.75 -7.77 18.96
N VAL A 24 5.22 -8.32 17.84
CA VAL A 24 4.39 -9.14 16.90
C VAL A 24 5.17 -10.41 16.54
N LEU A 25 4.71 -11.55 17.04
CA LEU A 25 5.24 -12.89 16.69
C LEU A 25 6.74 -12.94 17.00
N GLY A 26 7.19 -12.34 18.11
CA GLY A 26 8.59 -12.36 18.55
C GLY A 26 9.45 -11.35 17.80
N GLU A 27 8.84 -10.44 17.03
CA GLU A 27 9.55 -9.33 16.36
C GLU A 27 8.90 -8.04 16.85
N ARG A 28 9.48 -6.92 16.50
CA ARG A 28 8.94 -5.62 16.84
C ARG A 28 8.55 -4.93 15.54
N MET A 29 7.36 -4.37 15.51
CA MET A 29 6.88 -3.52 14.40
C MET A 29 6.74 -2.07 14.86
N HIS A 30 7.10 -1.15 13.98
CA HIS A 30 6.97 0.30 14.15
C HIS A 30 5.62 0.74 13.57
N TYR A 31 4.98 1.69 14.21
CA TYR A 31 3.77 2.35 13.68
C TYR A 31 3.65 3.78 14.21
N VAL A 32 3.15 4.62 13.31
CA VAL A 32 2.54 5.94 13.61
C VAL A 32 1.20 5.69 14.30
N ASP A 33 0.93 6.48 15.33
CA ASP A 33 -0.34 6.45 16.07
C ASP A 33 -0.66 7.87 16.52
N VAL A 34 -1.55 8.53 15.81
CA VAL A 34 -1.95 9.93 16.12
C VAL A 34 -3.46 10.01 16.12
N GLY A 35 -3.97 11.16 16.55
CA GLY A 35 -5.40 11.46 16.48
C GLY A 35 -6.09 11.00 17.76
N PRO A 36 -7.42 11.22 17.87
CA PRO A 36 -8.17 10.83 19.06
C PRO A 36 -8.07 9.32 19.34
N ARG A 37 -8.20 8.95 20.61
CA ARG A 37 -8.08 7.56 21.10
C ARG A 37 -9.34 6.78 20.81
N ASP A 38 -10.47 7.45 20.66
CA ASP A 38 -11.78 6.77 20.54
C ASP A 38 -12.20 6.76 19.06
N GLY A 39 -13.38 6.21 18.79
CA GLY A 39 -13.97 6.18 17.45
C GLY A 39 -13.37 5.06 16.62
N THR A 40 -13.67 5.02 15.34
CA THR A 40 -13.16 3.97 14.44
C THR A 40 -11.78 4.42 14.01
N PRO A 41 -10.74 3.60 14.22
CA PRO A 41 -9.42 3.91 13.72
C PRO A 41 -9.32 3.76 12.20
N VAL A 42 -8.42 4.57 11.62
CA VAL A 42 -8.00 4.50 10.20
C VAL A 42 -6.59 3.91 10.06
N LEU A 43 -6.54 2.73 9.50
CA LEU A 43 -5.32 1.93 9.36
C LEU A 43 -4.80 2.17 7.96
N PHE A 44 -3.60 2.71 7.86
CA PHE A 44 -2.92 3.08 6.59
C PHE A 44 -1.85 2.03 6.28
N LEU A 45 -1.97 1.31 5.16
CA LEU A 45 -1.00 0.26 4.77
C LEU A 45 -0.25 0.67 3.48
N HIS A 46 1.04 0.84 3.62
CA HIS A 46 2.01 1.10 2.54
C HIS A 46 2.34 -0.21 1.82
N GLY A 47 3.06 -0.08 0.71
CA GLY A 47 3.51 -1.19 -0.14
C GLY A 47 4.99 -1.07 -0.44
N ASN A 48 5.37 -1.51 -1.63
CA ASN A 48 6.78 -1.63 -2.07
C ASN A 48 7.17 -0.41 -2.89
N PRO A 49 8.32 0.27 -2.67
CA PRO A 49 9.28 0.04 -1.57
C PRO A 49 9.28 1.15 -0.52
N THR A 50 8.11 1.46 0.02
CA THR A 50 7.87 2.63 0.88
C THR A 50 7.80 2.18 2.35
N SER A 51 7.22 3.04 3.15
CA SER A 51 7.01 2.84 4.59
C SER A 51 5.84 3.75 4.97
N SER A 52 5.56 3.90 6.25
CA SER A 52 4.57 4.88 6.76
C SER A 52 4.94 6.28 6.26
N TYR A 53 6.21 6.54 5.90
CA TYR A 53 6.62 7.84 5.30
C TYR A 53 5.70 8.28 4.15
N VAL A 54 5.23 7.33 3.33
CA VAL A 54 4.35 7.66 2.16
C VAL A 54 3.04 8.33 2.60
N TRP A 55 2.62 8.13 3.85
CA TRP A 55 1.35 8.64 4.41
C TRP A 55 1.53 10.00 5.11
N ARG A 56 2.74 10.52 5.17
CA ARG A 56 3.13 11.63 6.10
C ARG A 56 2.28 12.89 5.83
N ASN A 57 1.86 13.11 4.59
CA ASN A 57 1.18 14.37 4.16
C ASN A 57 -0.32 14.09 4.02
N ILE A 58 -0.75 12.85 4.24
CA ILE A 58 -2.18 12.47 4.16
C ILE A 58 -2.74 12.35 5.58
N ILE A 59 -1.98 11.77 6.51
CA ILE A 59 -2.43 11.61 7.92
C ILE A 59 -2.84 12.97 8.52
N PRO A 60 -2.15 14.12 8.30
CA PRO A 60 -2.55 15.39 8.93
C PRO A 60 -3.98 15.84 8.59
N HIS A 61 -4.54 15.38 7.46
CA HIS A 61 -5.94 15.73 7.07
C HIS A 61 -6.95 14.93 7.88
N VAL A 62 -6.57 13.72 8.28
CA VAL A 62 -7.44 12.72 8.97
C VAL A 62 -7.34 12.82 10.48
N ALA A 63 -6.14 13.05 11.02
CA ALA A 63 -5.83 13.02 12.47
C ALA A 63 -6.75 13.92 13.32
N PRO A 64 -7.32 15.06 12.82
CA PRO A 64 -8.17 15.90 13.66
C PRO A 64 -9.42 15.17 14.15
N THR A 65 -9.94 14.24 13.34
CA THR A 65 -11.24 13.58 13.57
C THR A 65 -11.07 12.10 13.90
N HIS A 66 -10.02 11.45 13.41
CA HIS A 66 -9.87 9.99 13.57
C HIS A 66 -8.47 9.62 14.05
N ARG A 67 -8.41 8.55 14.82
CA ARG A 67 -7.16 7.84 15.10
C ARG A 67 -6.57 7.35 13.77
N CYS A 68 -5.31 7.66 13.55
CA CYS A 68 -4.50 7.21 12.39
C CYS A 68 -3.39 6.27 12.85
N ILE A 69 -3.39 5.07 12.29
CA ILE A 69 -2.41 3.99 12.59
C ILE A 69 -1.72 3.63 11.28
N ALA A 70 -0.40 3.79 11.21
CA ALA A 70 0.38 3.56 9.96
C ALA A 70 1.58 2.72 10.33
N PRO A 71 1.45 1.38 10.27
CA PRO A 71 2.56 0.50 10.56
C PRO A 71 3.55 0.46 9.38
N ASP A 72 4.79 0.15 9.72
CA ASP A 72 5.81 -0.30 8.74
C ASP A 72 5.72 -1.82 8.61
N LEU A 73 5.50 -2.30 7.38
CA LEU A 73 5.49 -3.75 7.11
C LEU A 73 6.79 -4.36 7.68
N ILE A 74 6.67 -5.60 8.16
CA ILE A 74 7.81 -6.39 8.67
C ILE A 74 8.91 -6.33 7.60
N GLY A 75 10.15 -6.08 8.02
CA GLY A 75 11.28 -5.97 7.08
C GLY A 75 11.41 -4.61 6.44
N MET A 76 10.53 -3.68 6.77
CA MET A 76 10.52 -2.35 6.10
C MET A 76 10.46 -1.24 7.16
N GLY A 77 10.73 -0.01 6.72
CA GLY A 77 10.60 1.18 7.59
C GLY A 77 11.47 1.00 8.83
N LYS A 78 10.90 1.25 10.00
CA LYS A 78 11.55 1.11 11.33
C LYS A 78 11.14 -0.21 11.99
N SER A 79 10.43 -1.09 11.30
CA SER A 79 10.10 -2.45 11.81
C SER A 79 11.34 -3.34 11.78
N ASP A 80 11.28 -4.43 12.51
CA ASP A 80 12.40 -5.39 12.61
C ASP A 80 12.66 -6.04 11.25
N LYS A 81 13.85 -6.58 11.06
CA LYS A 81 14.26 -7.20 9.77
C LYS A 81 14.74 -8.62 10.00
N PRO A 82 13.86 -9.54 10.48
CA PRO A 82 14.24 -10.94 10.60
C PRO A 82 14.63 -11.55 9.23
N ASP A 83 15.36 -12.66 9.31
CA ASP A 83 15.84 -13.40 8.12
C ASP A 83 14.70 -14.22 7.51
N LEU A 84 13.70 -13.55 6.94
CA LEU A 84 12.57 -14.22 6.25
C LEU A 84 12.80 -14.15 4.74
N GLY A 85 11.95 -14.84 3.98
CA GLY A 85 11.88 -14.62 2.53
C GLY A 85 10.99 -13.45 2.17
N TYR A 86 10.15 -12.97 3.09
CA TYR A 86 9.22 -11.81 2.89
C TYR A 86 8.25 -12.11 1.75
N PHE A 87 7.79 -13.35 1.70
CA PHE A 87 6.63 -13.77 0.89
C PHE A 87 5.40 -12.97 1.35
N PHE A 88 4.46 -12.77 0.46
CA PHE A 88 3.18 -12.16 0.83
C PHE A 88 2.61 -12.86 2.08
N ASP A 89 2.75 -14.20 2.18
CA ASP A 89 2.24 -14.99 3.32
C ASP A 89 2.83 -14.47 4.63
N ASP A 90 4.12 -14.14 4.60
CA ASP A 90 4.84 -13.59 5.79
C ASP A 90 4.19 -12.26 6.16
N HIS A 91 3.97 -11.39 5.17
CA HIS A 91 3.35 -10.07 5.44
C HIS A 91 1.97 -10.27 6.06
N VAL A 92 1.17 -11.20 5.51
CA VAL A 92 -0.19 -11.53 6.01
C VAL A 92 -0.11 -11.93 7.47
N ARG A 93 0.78 -12.86 7.81
CA ARG A 93 0.98 -13.37 9.19
C ARG A 93 1.25 -12.20 10.14
N PHE A 94 2.18 -11.33 9.77
CA PHE A 94 2.65 -10.20 10.60
C PHE A 94 1.57 -9.13 10.68
N MET A 95 0.91 -8.79 9.57
CA MET A 95 -0.13 -7.73 9.61
C MET A 95 -1.35 -8.22 10.41
N ASP A 96 -1.73 -9.49 10.27
CA ASP A 96 -2.84 -10.06 11.08
C ASP A 96 -2.52 -9.89 12.56
N ALA A 97 -1.31 -10.30 12.95
CA ALA A 97 -0.86 -10.29 14.35
C ALA A 97 -0.69 -8.85 14.82
N PHE A 98 -0.26 -7.93 13.96
CA PHE A 98 -0.18 -6.50 14.30
C PHE A 98 -1.54 -5.96 14.75
N ILE A 99 -2.56 -6.24 13.95
CA ILE A 99 -3.94 -5.73 14.14
C ILE A 99 -4.50 -6.26 15.47
N GLU A 100 -4.28 -7.54 15.75
CA GLU A 100 -4.74 -8.18 17.00
C GLU A 100 -3.94 -7.62 18.16
N ALA A 101 -2.62 -7.40 17.98
CA ALA A 101 -1.74 -6.87 19.06
C ALA A 101 -2.24 -5.49 19.50
N LEU A 102 -2.79 -4.67 18.60
CA LEU A 102 -3.31 -3.33 18.98
C LEU A 102 -4.76 -3.42 19.49
N GLY A 103 -5.40 -4.58 19.42
CA GLY A 103 -6.78 -4.81 19.89
C GLY A 103 -7.79 -4.07 19.03
N LEU A 104 -7.50 -3.91 17.73
CA LEU A 104 -8.41 -3.22 16.81
C LEU A 104 -9.64 -4.09 16.60
N GLU A 105 -10.80 -3.46 16.67
CA GLU A 105 -12.08 -4.13 16.44
C GLU A 105 -12.53 -3.78 15.04
N GLU A 106 -13.27 -2.71 14.86
CA GLU A 106 -13.69 -2.29 13.49
C GLU A 106 -12.63 -1.29 13.02
N VAL A 107 -12.41 -1.20 11.72
CA VAL A 107 -11.41 -0.23 11.19
C VAL A 107 -11.94 0.39 9.92
N VAL A 108 -11.35 1.51 9.50
CA VAL A 108 -11.38 1.93 8.08
C VAL A 108 -9.96 1.73 7.49
N LEU A 109 -9.89 1.16 6.30
CA LEU A 109 -8.63 0.82 5.62
C LEU A 109 -8.32 1.93 4.62
N VAL A 110 -7.09 2.41 4.66
CA VAL A 110 -6.49 3.27 3.59
C VAL A 110 -5.27 2.53 3.07
N ILE A 111 -5.31 2.06 1.81
CA ILE A 111 -4.34 1.04 1.35
C ILE A 111 -3.80 1.36 -0.05
N HIS A 112 -2.58 0.92 -0.29
CA HIS A 112 -1.77 1.24 -1.50
C HIS A 112 -0.83 0.08 -1.83
N ASP A 113 -0.81 -0.31 -3.11
CA ASP A 113 0.19 -1.26 -3.68
C ASP A 113 0.10 -2.56 -2.86
N TRP A 114 1.20 -3.06 -2.31
CA TRP A 114 1.10 -4.32 -1.50
C TRP A 114 0.29 -4.11 -0.21
N GLY A 115 0.19 -2.90 0.36
CA GLY A 115 -0.70 -2.65 1.51
C GLY A 115 -2.15 -2.94 1.13
N SER A 116 -2.52 -2.78 -0.14
CA SER A 116 -3.89 -3.02 -0.65
C SER A 116 -4.15 -4.54 -0.72
N ALA A 117 -3.16 -5.35 -1.12
CA ALA A 117 -3.31 -6.83 -1.09
C ALA A 117 -3.50 -7.29 0.35
N LEU A 118 -2.72 -6.76 1.32
CA LEU A 118 -2.93 -7.07 2.74
C LEU A 118 -4.36 -6.67 3.14
N GLY A 119 -4.75 -5.45 2.83
CA GLY A 119 -6.01 -4.86 3.34
C GLY A 119 -7.23 -5.60 2.80
N PHE A 120 -7.23 -5.88 1.50
CA PHE A 120 -8.39 -6.56 0.84
C PHE A 120 -8.47 -8.01 1.34
N HIS A 121 -7.32 -8.65 1.53
CA HIS A 121 -7.23 -10.05 1.98
C HIS A 121 -7.74 -10.13 3.42
N TRP A 122 -7.42 -9.13 4.24
CA TRP A 122 -7.89 -9.06 5.63
C TRP A 122 -9.40 -8.79 5.65
N ALA A 123 -9.85 -7.82 4.86
CA ALA A 123 -11.27 -7.43 4.76
C ALA A 123 -12.09 -8.67 4.38
N LYS A 124 -11.65 -9.39 3.37
CA LYS A 124 -12.36 -10.62 2.89
C LYS A 124 -12.60 -11.56 4.09
N ARG A 125 -11.60 -11.70 4.96
CA ARG A 125 -11.58 -12.65 6.09
C ARG A 125 -12.30 -12.07 7.31
N ASN A 126 -12.48 -10.75 7.38
CA ASN A 126 -13.03 -10.05 8.58
C ASN A 126 -14.05 -9.01 8.14
N PRO A 127 -15.03 -9.39 7.29
CA PRO A 127 -15.85 -8.40 6.60
C PRO A 127 -16.69 -7.55 7.60
N GLU A 128 -17.05 -8.09 8.76
CA GLU A 128 -17.83 -7.32 9.77
C GLU A 128 -16.97 -6.24 10.43
N ARG A 129 -15.66 -6.27 10.28
CA ARG A 129 -14.78 -5.31 11.01
C ARG A 129 -14.34 -4.15 10.10
N VAL A 130 -14.70 -4.16 8.82
CA VAL A 130 -14.23 -3.11 7.85
C VAL A 130 -15.39 -2.15 7.54
N LYS A 131 -15.31 -0.90 8.01
CA LYS A 131 -16.39 0.11 7.89
C LYS A 131 -16.24 0.89 6.58
N GLY A 132 -15.09 0.79 5.93
CA GLY A 132 -14.76 1.56 4.73
C GLY A 132 -13.40 1.15 4.21
N ILE A 133 -13.21 1.26 2.89
CA ILE A 133 -11.87 1.06 2.26
C ILE A 133 -11.64 2.18 1.27
N ALA A 134 -10.58 2.95 1.51
CA ALA A 134 -9.99 3.88 0.52
C ALA A 134 -8.74 3.20 -0.03
N PHE A 135 -8.63 3.17 -1.34
CA PHE A 135 -7.55 2.41 -1.99
C PHE A 135 -7.07 3.17 -3.20
N MET A 136 -5.83 2.90 -3.59
CA MET A 136 -5.20 3.57 -4.74
C MET A 136 -4.10 2.66 -5.26
N GLU A 137 -3.88 2.63 -6.58
CA GLU A 137 -2.73 1.93 -7.21
C GLU A 137 -2.54 0.59 -6.49
N PHE A 138 -3.57 -0.23 -6.55
CA PHE A 138 -3.75 -1.44 -5.74
C PHE A 138 -3.41 -2.67 -6.60
N ILE A 139 -3.18 -3.80 -5.92
CA ILE A 139 -2.83 -5.09 -6.58
C ILE A 139 -4.13 -5.73 -7.09
N ARG A 140 -4.18 -5.96 -8.40
CA ARG A 140 -5.22 -6.76 -9.09
C ARG A 140 -4.51 -7.74 -10.01
N PRO A 141 -5.17 -8.78 -10.54
CA PRO A 141 -4.49 -9.66 -11.51
C PRO A 141 -4.15 -8.84 -12.75
N ILE A 142 -2.93 -8.98 -13.23
CA ILE A 142 -2.46 -8.45 -14.53
C ILE A 142 -2.45 -9.65 -15.48
N PRO A 143 -3.54 -9.86 -16.24
CA PRO A 143 -3.74 -11.07 -17.02
C PRO A 143 -2.57 -11.45 -17.94
N THR A 144 -1.97 -10.46 -18.59
CA THR A 144 -0.78 -10.60 -19.45
C THR A 144 0.16 -9.42 -19.24
N TRP A 145 1.39 -9.54 -19.74
CA TRP A 145 2.41 -8.47 -19.63
C TRP A 145 2.05 -7.23 -20.43
N ASP A 146 1.19 -7.35 -21.44
CA ASP A 146 0.71 -6.20 -22.25
C ASP A 146 -0.14 -5.27 -21.36
N GLU A 147 -0.77 -5.81 -20.33
CA GLU A 147 -1.61 -5.02 -19.41
C GLU A 147 -0.72 -4.39 -18.30
N TRP A 148 0.60 -4.57 -18.37
CA TRP A 148 1.60 -3.87 -17.53
C TRP A 148 2.17 -2.71 -18.34
N PRO A 149 2.35 -1.51 -17.75
CA PRO A 149 2.85 -0.37 -18.49
C PRO A 149 4.15 -0.60 -19.26
N GLU A 150 4.13 -0.26 -20.54
CA GLU A 150 5.23 -0.54 -21.47
C GLU A 150 6.54 0.00 -20.90
N PHE A 151 6.53 1.23 -20.40
CA PHE A 151 7.76 1.90 -19.89
C PHE A 151 8.38 1.06 -18.76
N ALA A 152 7.58 0.35 -17.96
CA ALA A 152 8.07 -0.44 -16.80
C ALA A 152 8.21 -1.94 -17.13
N ARG A 153 7.92 -2.38 -18.35
CA ARG A 153 7.77 -3.83 -18.66
C ARG A 153 9.11 -4.56 -18.57
N GLU A 154 10.13 -4.07 -19.28
CA GLU A 154 11.46 -4.71 -19.32
C GLU A 154 12.04 -4.78 -17.91
N THR A 155 11.89 -3.70 -17.12
CA THR A 155 12.45 -3.60 -15.74
C THR A 155 11.77 -4.65 -14.84
N PHE A 156 10.45 -4.72 -14.80
CA PHE A 156 9.74 -5.68 -13.91
C PHE A 156 9.95 -7.14 -14.36
N GLN A 157 10.17 -7.34 -15.66
CA GLN A 157 10.52 -8.67 -16.21
C GLN A 157 11.92 -9.08 -15.71
N ALA A 158 12.85 -8.15 -15.69
CA ALA A 158 14.23 -8.37 -15.18
C ALA A 158 14.16 -8.60 -13.66
N PHE A 159 13.29 -7.86 -12.97
CA PHE A 159 13.17 -7.99 -11.50
C PHE A 159 12.78 -9.43 -11.17
N ARG A 160 11.91 -10.00 -12.01
CA ARG A 160 11.28 -11.31 -11.79
C ARG A 160 12.18 -12.44 -12.31
N THR A 161 13.48 -12.32 -12.11
CA THR A 161 14.45 -13.44 -12.19
C THR A 161 15.26 -13.50 -10.89
N THR A 162 15.91 -14.64 -10.60
CA THR A 162 16.74 -14.73 -9.38
C THR A 162 18.05 -13.99 -9.63
N ASP A 163 18.83 -14.36 -10.65
CA ASP A 163 20.21 -13.85 -10.72
C ASP A 163 20.16 -12.36 -11.06
N VAL A 164 19.54 -12.02 -12.19
CA VAL A 164 19.44 -10.61 -12.70
C VAL A 164 18.61 -9.77 -11.69
N GLY A 165 17.41 -10.21 -11.31
CA GLY A 165 16.52 -9.47 -10.39
C GLY A 165 17.23 -9.07 -9.10
N ARG A 166 17.95 -10.02 -8.50
CA ARG A 166 18.59 -9.88 -7.18
C ARG A 166 19.79 -8.96 -7.35
N LYS A 167 20.51 -9.10 -8.45
CA LYS A 167 21.59 -8.13 -8.74
C LYS A 167 21.05 -6.70 -8.82
N LEU A 168 20.00 -6.47 -9.61
CA LEU A 168 19.43 -5.10 -9.72
C LEU A 168 18.91 -4.60 -8.35
N ILE A 169 18.13 -5.40 -7.63
CA ILE A 169 17.31 -4.86 -6.49
C ILE A 169 18.16 -4.89 -5.22
N ILE A 170 18.84 -6.00 -4.96
CA ILE A 170 19.63 -6.18 -3.71
C ILE A 170 21.02 -5.57 -3.88
N ASP A 171 21.75 -5.96 -4.94
CA ASP A 171 23.18 -5.53 -5.07
C ASP A 171 23.24 -4.04 -5.45
N GLN A 172 22.44 -3.59 -6.39
CA GLN A 172 22.55 -2.20 -6.93
C GLN A 172 21.45 -1.28 -6.38
N ASN A 173 20.50 -1.79 -5.62
CA ASN A 173 19.41 -0.96 -5.03
C ASN A 173 18.59 -0.20 -6.09
N VAL A 174 18.28 -0.81 -7.22
CA VAL A 174 17.61 -0.12 -8.36
C VAL A 174 16.15 0.18 -8.03
N PHE A 175 15.49 -0.59 -7.15
CA PHE A 175 14.07 -0.36 -6.79
C PHE A 175 14.00 0.98 -6.03
N ILE A 176 14.97 1.23 -5.15
CA ILE A 176 14.95 2.49 -4.33
C ILE A 176 15.43 3.65 -5.19
N GLU A 177 16.55 3.50 -5.89
CA GLU A 177 17.26 4.62 -6.57
C GLU A 177 16.59 4.98 -7.88
N GLY A 178 15.94 4.03 -8.54
CA GLY A 178 15.43 4.21 -9.90
C GLY A 178 13.93 4.11 -10.00
N THR A 179 13.37 2.95 -9.66
CA THR A 179 11.96 2.59 -9.81
C THR A 179 11.06 3.50 -8.97
N LEU A 180 11.46 3.73 -7.73
CA LEU A 180 10.68 4.54 -6.77
C LEU A 180 10.53 5.96 -7.32
N PRO A 181 11.61 6.70 -7.60
CA PRO A 181 11.45 8.06 -8.16
C PRO A 181 10.65 8.03 -9.47
N MET A 182 10.73 6.93 -10.23
CA MET A 182 10.04 6.83 -11.55
C MET A 182 8.59 6.41 -11.36
N GLY A 183 8.13 6.19 -10.11
CA GLY A 183 6.70 5.98 -9.80
C GLY A 183 6.01 7.25 -9.28
N VAL A 184 6.71 8.38 -9.40
CA VAL A 184 6.26 9.74 -8.99
C VAL A 184 6.41 10.68 -10.20
N VAL A 185 5.39 11.47 -10.54
CA VAL A 185 5.53 12.44 -11.68
C VAL A 185 6.44 13.59 -11.26
N ARG A 186 6.25 14.17 -10.09
CA ARG A 186 7.16 15.23 -9.60
C ARG A 186 8.46 14.61 -9.14
N PRO A 187 9.54 15.40 -9.06
CA PRO A 187 10.83 14.90 -8.58
C PRO A 187 10.77 14.79 -7.06
N LEU A 188 11.25 13.67 -6.55
CA LEU A 188 11.51 13.50 -5.11
C LEU A 188 12.77 14.28 -4.78
N THR A 189 12.72 15.01 -3.66
CA THR A 189 13.88 15.76 -3.18
C THR A 189 14.88 14.78 -2.59
N GLU A 190 16.09 15.25 -2.32
CA GLU A 190 17.15 14.44 -1.69
C GLU A 190 16.68 14.02 -0.28
N VAL A 191 16.07 14.92 0.48
CA VAL A 191 15.56 14.61 1.86
C VAL A 191 14.56 13.46 1.78
N GLU A 192 13.60 13.55 0.85
CA GLU A 192 12.59 12.49 0.66
C GLU A 192 13.30 11.18 0.29
N MET A 193 14.22 11.22 -0.67
CA MET A 193 14.97 10.01 -1.06
C MET A 193 15.69 9.41 0.14
N ASP A 194 16.26 10.23 1.02
CA ASP A 194 17.04 9.70 2.15
C ASP A 194 16.08 8.98 3.11
N HIS A 195 14.86 9.47 3.27
CA HIS A 195 13.86 8.81 4.16
C HIS A 195 13.50 7.46 3.55
N TYR A 196 13.33 7.38 2.23
CA TYR A 196 13.01 6.09 1.54
C TYR A 196 14.24 5.16 1.53
N ARG A 197 15.45 5.72 1.50
CA ARG A 197 16.70 4.92 1.51
C ARG A 197 16.99 4.32 2.90
N GLU A 198 16.62 5.03 3.94
CA GLU A 198 17.06 4.74 5.32
C GLU A 198 16.88 3.27 5.68
N PRO A 199 15.74 2.60 5.44
CA PRO A 199 15.59 1.24 5.93
C PRO A 199 16.45 0.24 5.17
N PHE A 200 17.03 0.64 4.03
CA PHE A 200 17.68 -0.32 3.10
C PHE A 200 19.15 0.05 2.84
N LEU A 201 19.79 0.83 3.72
CA LEU A 201 21.22 1.19 3.56
C LEU A 201 22.08 -0.08 3.55
N ASN A 202 21.69 -1.10 4.30
CA ASN A 202 22.40 -2.40 4.33
C ASN A 202 21.84 -3.33 3.26
N PRO A 203 22.62 -3.72 2.20
CA PRO A 203 22.08 -4.51 1.09
C PRO A 203 21.35 -5.80 1.49
N VAL A 204 21.86 -6.50 2.48
CA VAL A 204 21.19 -7.73 2.99
C VAL A 204 19.74 -7.45 3.42
N ASP A 205 19.37 -6.23 3.81
CA ASP A 205 17.98 -5.91 4.28
C ASP A 205 17.02 -5.65 3.11
N ARG A 206 17.46 -5.81 1.86
CA ARG A 206 16.65 -5.45 0.67
C ARG A 206 15.85 -6.66 0.19
N GLU A 207 15.88 -7.80 0.90
CA GLU A 207 15.08 -9.00 0.48
C GLU A 207 13.66 -8.61 0.07
N PRO A 208 12.90 -7.89 0.93
CA PRO A 208 11.50 -7.59 0.63
C PRO A 208 11.30 -6.86 -0.70
N LEU A 209 12.22 -5.99 -1.04
CA LEU A 209 12.14 -5.18 -2.28
C LEU A 209 12.19 -6.09 -3.51
N TRP A 210 12.88 -7.24 -3.41
CA TRP A 210 13.00 -8.24 -4.49
C TRP A 210 11.85 -9.26 -4.44
N ARG A 211 11.46 -9.73 -3.25
CA ARG A 211 10.38 -10.75 -3.20
C ARG A 211 9.08 -10.14 -3.72
N PHE A 212 8.78 -8.88 -3.38
CA PHE A 212 7.50 -8.22 -3.74
C PHE A 212 7.21 -8.27 -5.23
N PRO A 213 8.08 -7.76 -6.12
CA PRO A 213 7.78 -7.82 -7.55
C PRO A 213 7.68 -9.27 -8.06
N ASN A 214 8.33 -10.20 -7.36
CA ASN A 214 8.27 -11.62 -7.70
C ASN A 214 6.94 -12.22 -7.23
N GLU A 215 6.22 -11.55 -6.32
CA GLU A 215 4.88 -11.98 -5.88
C GLU A 215 3.77 -11.36 -6.75
N LEU A 216 4.05 -10.36 -7.60
CA LEU A 216 2.97 -9.67 -8.38
C LEU A 216 2.24 -10.70 -9.23
N PRO A 217 0.88 -10.67 -9.22
CA PRO A 217 0.10 -11.62 -10.01
C PRO A 217 0.04 -11.18 -11.48
N ILE A 218 1.10 -11.52 -12.24
CA ILE A 218 1.31 -11.10 -13.66
C ILE A 218 1.35 -12.36 -14.53
N ALA A 219 0.42 -12.49 -15.48
CA ALA A 219 0.40 -13.57 -16.49
C ALA A 219 0.32 -14.91 -15.78
N GLY A 220 -0.56 -14.99 -14.79
CA GLY A 220 -0.93 -16.23 -14.09
C GLY A 220 0.09 -16.70 -13.07
N GLU A 221 1.13 -15.91 -12.77
CA GLU A 221 2.28 -16.34 -11.93
C GLU A 221 2.66 -15.23 -10.95
N PRO A 222 3.00 -15.53 -9.67
CA PRO A 222 2.84 -16.87 -9.11
C PRO A 222 1.37 -17.24 -8.83
N ALA A 223 1.02 -18.49 -9.16
CA ALA A 223 -0.36 -19.00 -9.13
C ALA A 223 -1.02 -18.79 -7.77
N ASN A 224 -0.30 -18.97 -6.67
CA ASN A 224 -0.90 -18.86 -5.31
C ASN A 224 -1.36 -17.40 -5.07
N ILE A 225 -0.62 -16.42 -5.58
CA ILE A 225 -0.97 -14.98 -5.36
C ILE A 225 -2.12 -14.63 -6.29
N VAL A 226 -2.06 -15.09 -7.52
CA VAL A 226 -3.15 -14.85 -8.49
C VAL A 226 -4.47 -15.32 -7.86
N ALA A 227 -4.51 -16.53 -7.31
CA ALA A 227 -5.74 -17.09 -6.70
C ALA A 227 -6.24 -16.17 -5.58
N LEU A 228 -5.35 -15.80 -4.65
CA LEU A 228 -5.69 -15.05 -3.42
C LEU A 228 -6.26 -13.67 -3.84
N VAL A 229 -5.68 -13.10 -4.89
CA VAL A 229 -6.02 -11.73 -5.36
C VAL A 229 -7.38 -11.79 -6.07
N GLU A 230 -7.59 -12.77 -6.95
CA GLU A 230 -8.92 -13.04 -7.53
C GLU A 230 -9.96 -13.24 -6.42
N GLU A 231 -9.65 -14.00 -5.35
CA GLU A 231 -10.61 -14.22 -4.24
C GLU A 231 -11.00 -12.87 -3.60
N TYR A 232 -10.09 -11.92 -3.37
CA TYR A 232 -10.51 -10.67 -2.69
C TYR A 232 -11.23 -9.70 -3.66
N MET A 233 -10.91 -9.74 -4.95
N MET A 233 -10.87 -9.69 -4.95
CA MET A 233 -11.57 -8.89 -5.97
CA MET A 233 -11.62 -8.91 -5.98
C MET A 233 -13.01 -9.39 -6.23
C MET A 233 -13.08 -9.38 -6.00
N ASP A 234 -13.28 -10.69 -6.06
CA ASP A 234 -14.64 -11.29 -6.02
C ASP A 234 -15.35 -10.81 -4.77
N TRP A 235 -14.68 -10.90 -3.62
CA TRP A 235 -15.25 -10.45 -2.34
C TRP A 235 -15.64 -8.98 -2.49
N LEU A 236 -14.75 -8.18 -3.08
CA LEU A 236 -14.92 -6.71 -3.16
C LEU A 236 -16.11 -6.38 -4.06
N HIS A 237 -16.33 -7.15 -5.13
CA HIS A 237 -17.49 -6.94 -6.05
C HIS A 237 -18.80 -7.33 -5.38
N GLN A 238 -18.82 -8.19 -4.35
CA GLN A 238 -20.04 -8.65 -3.65
C GLN A 238 -20.34 -7.80 -2.43
N SER A 239 -19.38 -7.01 -1.97
CA SER A 239 -19.44 -6.33 -0.65
C SER A 239 -20.09 -4.95 -0.78
N PRO A 240 -21.01 -4.60 0.14
CA PRO A 240 -21.59 -3.26 0.14
C PRO A 240 -20.69 -2.25 0.87
N VAL A 241 -19.48 -2.65 1.29
CA VAL A 241 -18.66 -1.76 2.16
C VAL A 241 -18.40 -0.47 1.39
N PRO A 242 -18.53 0.71 2.03
CA PRO A 242 -18.17 1.94 1.37
C PRO A 242 -16.75 1.90 0.80
N LYS A 243 -16.58 2.38 -0.43
CA LYS A 243 -15.30 2.27 -1.17
C LYS A 243 -14.97 3.65 -1.73
N LEU A 244 -13.69 4.01 -1.64
CA LEU A 244 -13.14 5.26 -2.20
C LEU A 244 -11.86 4.93 -2.97
N LEU A 245 -11.87 5.19 -4.26
CA LEU A 245 -10.82 4.76 -5.21
C LEU A 245 -10.18 6.03 -5.74
N PHE A 246 -8.91 6.24 -5.44
CA PHE A 246 -8.09 7.31 -6.05
C PHE A 246 -7.33 6.74 -7.24
N TRP A 247 -7.27 7.52 -8.31
CA TRP A 247 -6.58 7.12 -9.56
C TRP A 247 -5.93 8.33 -10.19
N GLY A 248 -4.89 8.05 -10.95
CA GLY A 248 -4.08 9.03 -11.65
C GLY A 248 -3.90 8.62 -13.11
N THR A 249 -3.39 9.57 -13.88
CA THR A 249 -3.13 9.45 -15.32
C THR A 249 -1.64 9.60 -15.50
N PRO A 250 -0.90 8.60 -16.05
CA PRO A 250 -1.43 7.35 -16.59
C PRO A 250 -1.62 6.16 -15.64
N GLY A 251 -1.19 6.29 -14.38
CA GLY A 251 -1.23 5.17 -13.42
C GLY A 251 -0.11 4.18 -13.70
N VAL A 252 -0.01 3.12 -12.90
CA VAL A 252 0.91 1.99 -13.13
C VAL A 252 0.11 0.69 -12.96
N LEU A 253 -0.29 0.31 -11.74
CA LEU A 253 -1.13 -0.87 -11.51
C LEU A 253 -2.55 -0.63 -12.05
N ILE A 254 -3.03 0.61 -12.01
CA ILE A 254 -4.46 0.93 -12.31
C ILE A 254 -4.50 2.04 -13.35
N PRO A 255 -4.62 1.69 -14.65
CA PRO A 255 -4.77 2.70 -15.70
C PRO A 255 -6.19 3.28 -15.64
N PRO A 256 -6.42 4.51 -16.17
CA PRO A 256 -7.71 5.19 -16.05
C PRO A 256 -8.93 4.35 -16.47
N ALA A 257 -8.79 3.55 -17.53
CA ALA A 257 -9.89 2.70 -18.06
C ALA A 257 -10.31 1.70 -16.98
N GLU A 258 -9.34 1.20 -16.19
CA GLU A 258 -9.63 0.19 -15.15
C GLU A 258 -10.35 0.86 -13.96
N ALA A 259 -9.91 2.06 -13.57
CA ALA A 259 -10.54 2.85 -12.49
C ALA A 259 -11.98 3.17 -12.90
N ALA A 260 -12.18 3.62 -14.14
CA ALA A 260 -13.54 3.84 -14.70
C ALA A 260 -14.38 2.57 -14.54
N ARG A 261 -13.86 1.40 -14.91
CA ARG A 261 -14.61 0.13 -14.81
C ARG A 261 -14.92 -0.18 -13.34
N LEU A 262 -13.94 -0.07 -12.44
CA LEU A 262 -14.13 -0.44 -11.01
C LEU A 262 -15.11 0.53 -10.31
N ALA A 263 -15.06 1.81 -10.66
CA ALA A 263 -15.98 2.84 -10.11
C ALA A 263 -17.44 2.42 -10.34
N LYS A 264 -17.71 1.66 -11.41
CA LYS A 264 -19.08 1.18 -11.71
C LYS A 264 -19.28 -0.22 -11.16
N SER A 265 -18.29 -1.12 -11.28
CA SER A 265 -18.52 -2.56 -11.00
C SER A 265 -18.58 -2.78 -9.49
N LEU A 266 -17.78 -2.03 -8.73
CA LEU A 266 -17.72 -2.14 -7.25
C LEU A 266 -18.93 -1.43 -6.66
N PRO A 267 -19.72 -2.10 -5.79
CA PRO A 267 -20.80 -1.43 -5.10
C PRO A 267 -20.29 -0.32 -4.17
N ASN A 268 -21.09 0.74 -4.04
CA ASN A 268 -20.90 1.81 -3.05
CA ASN A 268 -20.91 1.84 -3.06
C ASN A 268 -19.50 2.42 -3.21
N CYS A 269 -19.11 2.71 -4.45
CA CYS A 269 -17.74 3.16 -4.79
C CYS A 269 -17.75 4.58 -5.31
N LYS A 270 -16.96 5.44 -4.67
CA LYS A 270 -16.66 6.79 -5.16
C LYS A 270 -15.23 6.77 -5.73
N ALA A 271 -15.06 7.35 -6.90
CA ALA A 271 -13.74 7.43 -7.56
C ALA A 271 -13.31 8.88 -7.64
N VAL A 272 -12.05 9.14 -7.33
CA VAL A 272 -11.50 10.52 -7.35
C VAL A 272 -10.24 10.56 -8.21
N ASP A 273 -10.20 11.51 -9.12
CA ASP A 273 -9.11 11.70 -10.11
C ASP A 273 -8.10 12.65 -9.48
N ILE A 274 -6.84 12.25 -9.30
CA ILE A 274 -5.85 13.08 -8.56
C ILE A 274 -5.06 13.90 -9.59
N GLY A 275 -5.37 13.71 -10.87
CA GLY A 275 -4.57 14.34 -11.93
C GLY A 275 -3.40 13.43 -12.27
N PRO A 276 -2.26 14.03 -12.68
CA PRO A 276 -1.10 13.26 -13.13
C PRO A 276 -0.60 12.39 -11.97
N GLY A 277 -0.43 11.10 -12.25
CA GLY A 277 0.28 10.21 -11.32
C GLY A 277 0.59 8.89 -11.97
N LEU A 278 1.45 8.16 -11.28
CA LEU A 278 1.96 6.84 -11.70
C LEU A 278 1.62 5.87 -10.57
N ASN A 279 2.55 5.61 -9.65
CA ASN A 279 2.22 4.64 -8.58
C ASN A 279 2.01 5.37 -7.25
N LEU A 280 2.99 6.15 -6.80
CA LEU A 280 2.94 6.79 -5.46
C LEU A 280 2.06 8.05 -5.58
N LEU A 281 0.77 7.89 -5.81
CA LEU A 281 -0.19 9.01 -5.99
C LEU A 281 -0.06 9.97 -4.80
N GLN A 282 0.21 9.41 -3.61
CA GLN A 282 0.40 10.20 -2.35
C GLN A 282 1.48 11.25 -2.52
N GLU A 283 2.48 10.99 -3.37
CA GLU A 283 3.60 11.96 -3.52
C GLU A 283 3.26 13.04 -4.56
N ASP A 284 2.31 12.80 -5.44
CA ASP A 284 1.91 13.78 -6.49
C ASP A 284 0.78 14.70 -6.01
N ASN A 285 -0.21 14.19 -5.28
CA ASN A 285 -1.32 15.05 -4.80
C ASN A 285 -1.77 14.63 -3.40
N PRO A 286 -0.92 14.81 -2.37
CA PRO A 286 -1.30 14.45 -1.00
C PRO A 286 -2.47 15.28 -0.42
N ASP A 287 -2.53 16.57 -0.73
CA ASP A 287 -3.61 17.42 -0.15
C ASP A 287 -4.94 16.95 -0.70
N LEU A 288 -5.05 16.58 -1.99
CA LEU A 288 -6.36 16.12 -2.50
C LEU A 288 -6.73 14.80 -1.83
N ILE A 289 -5.80 13.87 -1.77
CA ILE A 289 -6.07 12.51 -1.22
C ILE A 289 -6.45 12.63 0.27
N GLY A 290 -5.65 13.35 1.07
CA GLY A 290 -5.93 13.60 2.50
C GLY A 290 -7.28 14.27 2.69
N SER A 291 -7.58 15.33 1.94
CA SER A 291 -8.83 16.10 2.10
C SER A 291 -10.04 15.23 1.71
N GLU A 292 -9.94 14.48 0.61
CA GLU A 292 -11.07 13.64 0.17
C GLU A 292 -11.25 12.50 1.17
N ILE A 293 -10.17 11.91 1.70
CA ILE A 293 -10.38 10.84 2.72
C ILE A 293 -11.13 11.44 3.88
N ALA A 294 -10.66 12.55 4.44
CA ALA A 294 -11.26 13.17 5.65
C ALA A 294 -12.76 13.39 5.42
N ARG A 295 -13.12 13.93 4.26
CA ARG A 295 -14.52 14.30 3.94
C ARG A 295 -15.34 13.03 3.71
N TRP A 296 -14.75 12.04 3.07
CA TRP A 296 -15.43 10.74 2.85
C TRP A 296 -15.68 10.04 4.19
N LEU A 297 -14.71 10.07 5.12
CA LEU A 297 -14.91 9.49 6.47
C LEU A 297 -16.14 10.10 7.14
N SER A 298 -16.31 11.42 7.03
CA SER A 298 -17.48 12.11 7.60
C SER A 298 -18.78 11.51 6.99
N THR A 299 -18.82 11.27 5.68
CA THR A 299 -20.02 10.73 4.97
C THR A 299 -20.34 9.30 5.40
N LEU A 300 -19.39 8.54 5.97
CA LEU A 300 -19.67 7.17 6.44
C LEU A 300 -20.66 7.20 7.62
N GLU A 301 -20.77 8.34 8.31
CA GLU A 301 -21.70 8.52 9.47
C GLU A 301 -23.04 9.12 9.02
N ILE A 302 -23.25 9.35 7.73
CA ILE A 302 -24.54 9.86 7.19
C ILE A 302 -25.23 8.64 6.55
N SER A 303 -26.29 8.11 7.16
CA SER A 303 -27.06 6.91 6.69
C SER A 303 -27.99 7.27 5.54
#